data_8JM0
#
_entry.id   8JM0
#
_cell.length_a   49.491
_cell.length_b   91.131
_cell.length_c   130.987
_cell.angle_alpha   90.00
_cell.angle_beta   90.00
_cell.angle_gamma   90.00
#
_symmetry.space_group_name_H-M   'P 21 21 21'
#
loop_
_entity.id
_entity.type
_entity.pdbx_description
1 polymer '(R)-mandelonitrile lyase'
2 branched 2-acetamido-2-deoxy-beta-D-glucopyranose-(1-4)-2-acetamido-2-deoxy-beta-D-glucopyranose
3 non-polymer 2-acetamido-2-deoxy-beta-D-glucopyranose
4 non-polymer 2,2-dimethyl-4H-1,3-benzodioxine-6-carbaldehyde
5 non-polymer 'FLAVIN-ADENINE DINUCLEOTIDE'
6 non-polymer 'TRIETHYLENE GLYCOL'
7 non-polymer DI(HYDROXYETHYL)ETHER
8 non-polymer BICINE
9 water water
#
_entity_poly.entity_id   1
_entity_poly.type   'polypeptide(L)'
_entity_poly.pdbx_seq_one_letter_code
;IDHHHHHHLANTSAHDFSYLKFVYNATDTSLEGSYDYIVIGGGTSGCPLAATLSEKYKVLLLERGTIATEYPNTLTADGF
AYNLQQQDDGKTPVERFVSEDGIDNVRARILGGTTIINAGVYARANISFYSQTGIEWDLDLVNKTYEWVEDAIVVKPNNQ
SWQSVIGEGFLEAGILPDNGFSLDHEAGTRLTGSTFDNNGTRHAADELLNKGDPNNLLVAVQASVEKILFSSNTSNLSAI
GVIYTDSDGNSHQAFVRGNGEVIVSAGTIGTPQLLLLSGVGPESYLSSLNITVVQPNPYVGQFVYDNPRNFINILPPNPI
EASVVTVLGIRSDYYQVSASSLPFSTPPFSLFPTTSYPLPNSTFAHIVSQVPGPLSHGSVTLNSSSDVRIAPNIKFNYYS
NSTDLANCVSGMKKLGDLLRTKALEPYKARDVLGIDGFNYLGVPLPENQTDDASFETFCLDNVASYWHYHGGSLVGKVLD
DSFRVMGIKALRVVDASTFPYEPNSHPQGFYLMLGRYVGLQILQERSIRLEAIHNIQESM
;
_entity_poly.pdbx_strand_id   A
#
# COMPACT_ATOMS: atom_id res chain seq x y z
N HIS A 6 15.98 -7.78 -18.95
CA HIS A 6 14.81 -8.08 -18.06
C HIS A 6 14.56 -9.60 -17.98
N HIS A 7 15.63 -10.40 -17.91
CA HIS A 7 15.57 -11.88 -17.74
C HIS A 7 14.64 -12.20 -16.56
N HIS A 8 14.69 -11.38 -15.51
CA HIS A 8 14.08 -11.66 -14.18
C HIS A 8 12.61 -11.16 -14.12
N LEU A 9 11.74 -11.62 -15.00
CA LEU A 9 10.29 -11.36 -14.88
C LEU A 9 9.52 -12.67 -14.90
N ALA A 10 8.33 -12.65 -14.29
CA ALA A 10 7.34 -13.74 -14.23
C ALA A 10 6.71 -13.98 -15.61
N ASN A 11 6.11 -15.16 -15.75
CA ASN A 11 5.32 -15.68 -16.90
C ASN A 11 3.84 -15.42 -16.61
N THR A 12 3.00 -15.51 -17.64
CA THR A 12 1.56 -15.76 -17.45
C THR A 12 1.40 -17.09 -16.75
N SER A 13 0.60 -17.14 -15.70
CA SER A 13 0.39 -18.38 -14.89
C SER A 13 -0.80 -18.17 -13.96
N ALA A 14 -1.47 -19.24 -13.56
CA ALA A 14 -2.54 -19.21 -12.54
C ALA A 14 -1.93 -18.69 -11.22
N HIS A 15 -2.75 -18.01 -10.42
CA HIS A 15 -2.37 -17.64 -9.04
C HIS A 15 -2.01 -18.92 -8.29
N ASP A 16 -0.82 -18.96 -7.70
CA ASP A 16 -0.28 -20.18 -7.09
C ASP A 16 -0.68 -20.24 -5.62
N PHE A 17 -1.75 -20.98 -5.32
CA PHE A 17 -2.21 -21.23 -3.92
C PHE A 17 -1.59 -22.48 -3.27
N SER A 18 -0.42 -22.94 -3.72
CA SER A 18 0.25 -24.14 -3.14
C SER A 18 0.43 -23.98 -1.64
N TYR A 19 0.72 -22.77 -1.19
CA TYR A 19 1.03 -22.45 0.24
C TYR A 19 -0.17 -22.78 1.16
N LEU A 20 -1.38 -22.96 0.63
CA LEU A 20 -2.57 -23.27 1.47
C LEU A 20 -2.34 -24.59 2.23
N LYS A 21 -1.37 -25.40 1.81
CA LYS A 21 -1.06 -26.66 2.54
C LYS A 21 -0.52 -26.34 3.95
N PHE A 22 -0.06 -25.11 4.22
CA PHE A 22 0.38 -24.75 5.59
C PHE A 22 -0.37 -23.52 6.13
N VAL A 23 -1.58 -23.29 5.64
CA VAL A 23 -2.51 -22.24 6.14
C VAL A 23 -3.60 -22.94 6.96
N TYR A 24 -3.81 -22.45 8.18
CA TYR A 24 -4.77 -23.03 9.15
C TYR A 24 -5.66 -21.89 9.69
N ASN A 25 -6.85 -22.28 10.07
CA ASN A 25 -7.81 -21.44 10.85
C ASN A 25 -7.20 -21.18 12.24
N ALA A 26 -7.23 -19.92 12.70
CA ALA A 26 -6.72 -19.54 14.03
C ALA A 26 -7.52 -20.24 15.16
N THR A 27 -8.65 -20.87 14.86
CA THR A 27 -9.42 -21.70 15.83
C THR A 27 -8.59 -22.91 16.25
N ASP A 28 -7.55 -23.26 15.48
CA ASP A 28 -6.77 -24.49 15.78
C ASP A 28 -5.76 -24.20 16.90
N THR A 29 -6.01 -24.73 18.11
CA THR A 29 -5.22 -24.39 19.34
C THR A 29 -3.84 -25.03 19.25
N SER A 30 -3.64 -25.98 18.36
CA SER A 30 -2.30 -26.61 18.18
C SER A 30 -1.31 -25.64 17.49
N LEU A 31 -1.77 -24.50 16.94
CA LEU A 31 -0.86 -23.41 16.45
C LEU A 31 -0.24 -22.70 17.65
N GLU A 32 -0.88 -22.76 18.82
CA GLU A 32 -0.37 -22.07 20.00
C GLU A 32 0.95 -22.72 20.48
N GLY A 33 1.87 -21.92 20.99
CA GLY A 33 3.17 -22.43 21.46
C GLY A 33 4.32 -21.54 21.07
N SER A 34 5.56 -22.10 21.07
CA SER A 34 6.79 -21.30 20.80
C SER A 34 7.31 -21.43 19.37
N TYR A 35 7.68 -20.29 18.79
CA TYR A 35 8.31 -20.19 17.46
C TYR A 35 9.63 -19.41 17.59
N ASP A 36 10.39 -19.41 16.50
CA ASP A 36 11.58 -18.56 16.38
C ASP A 36 11.10 -17.15 16.03
N TYR A 37 10.13 -17.06 15.14
CA TYR A 37 9.61 -15.73 14.70
C TYR A 37 8.09 -15.76 14.64
N ILE A 38 7.49 -14.65 15.05
CA ILE A 38 6.07 -14.36 14.83
C ILE A 38 6.00 -13.10 13.97
N VAL A 39 5.32 -13.19 12.83
CA VAL A 39 5.06 -12.01 11.96
C VAL A 39 3.55 -11.70 12.05
N ILE A 40 3.24 -10.45 12.39
CA ILE A 40 1.84 -9.98 12.59
C ILE A 40 1.45 -9.23 11.32
N GLY A 41 0.59 -9.82 10.52
CA GLY A 41 0.07 -9.19 9.29
C GLY A 41 0.64 -9.90 8.09
N GLY A 42 -0.17 -10.68 7.39
CA GLY A 42 0.27 -11.42 6.20
C GLY A 42 0.10 -10.58 4.96
N GLY A 43 0.75 -9.41 4.95
CA GLY A 43 0.54 -8.42 3.91
C GLY A 43 1.74 -8.29 3.01
N THR A 44 1.83 -7.12 2.41
CA THR A 44 2.85 -6.80 1.39
C THR A 44 4.25 -7.10 1.92
N SER A 45 4.63 -6.54 3.05
CA SER A 45 5.94 -6.82 3.66
C SER A 45 5.89 -8.17 4.40
N GLY A 46 4.80 -8.43 5.13
CA GLY A 46 4.80 -9.57 6.07
C GLY A 46 4.95 -10.91 5.38
N CYS A 47 4.33 -11.12 4.21
CA CYS A 47 4.43 -12.42 3.51
C CYS A 47 5.90 -12.71 3.15
N PRO A 48 6.60 -11.86 2.38
CA PRO A 48 7.99 -12.17 2.02
C PRO A 48 8.90 -12.24 3.25
N LEU A 49 8.59 -11.48 4.29
CA LEU A 49 9.39 -11.55 5.52
C LEU A 49 9.26 -12.96 6.12
N ALA A 50 8.04 -13.47 6.33
CA ALA A 50 7.80 -14.76 6.97
C ALA A 50 8.40 -15.88 6.10
N ALA A 51 8.23 -15.78 4.78
CA ALA A 51 8.79 -16.77 3.83
C ALA A 51 10.31 -16.84 3.96
N THR A 52 10.96 -15.68 3.99
CA THR A 52 12.44 -15.56 4.13
C THR A 52 12.90 -16.15 5.48
N LEU A 53 12.27 -15.76 6.57
CA LEU A 53 12.71 -16.24 7.89
C LEU A 53 12.53 -17.76 7.96
N SER A 54 11.51 -18.32 7.30
CA SER A 54 11.18 -19.77 7.32
C SER A 54 12.26 -20.62 6.60
N GLU A 55 13.18 -20.02 5.84
CA GLU A 55 14.31 -20.74 5.21
C GLU A 55 15.14 -21.43 6.31
N LYS A 56 15.32 -20.79 7.49
CA LYS A 56 16.19 -21.31 8.58
C LYS A 56 15.37 -21.64 9.84
N TYR A 57 14.23 -20.98 10.07
CA TYR A 57 13.61 -20.94 11.43
C TYR A 57 12.12 -21.24 11.37
N LYS A 58 11.56 -21.53 12.55
CA LYS A 58 10.12 -21.83 12.70
C LYS A 58 9.40 -20.48 12.82
N VAL A 59 8.45 -20.25 11.91
CA VAL A 59 7.78 -18.94 11.78
C VAL A 59 6.30 -19.18 11.88
N LEU A 60 5.62 -18.30 12.64
CA LEU A 60 4.13 -18.24 12.61
C LEU A 60 3.76 -16.89 12.02
N LEU A 61 3.02 -16.90 10.93
CA LEU A 61 2.45 -15.67 10.33
C LEU A 61 0.97 -15.60 10.73
N LEU A 62 0.56 -14.49 11.33
CA LEU A 62 -0.84 -14.25 11.78
C LEU A 62 -1.49 -13.19 10.89
N GLU A 63 -2.61 -13.52 10.25
CA GLU A 63 -3.37 -12.59 9.40
C GLU A 63 -4.82 -12.54 9.89
N ARG A 64 -5.38 -11.34 10.06
CA ARG A 64 -6.76 -11.16 10.55
C ARG A 64 -7.74 -11.56 9.47
N GLY A 65 -7.40 -11.41 8.19
CA GLY A 65 -8.35 -11.72 7.12
C GLY A 65 -8.33 -13.20 6.77
N THR A 66 -9.17 -13.57 5.82
CA THR A 66 -9.19 -14.95 5.30
C THR A 66 -8.29 -15.10 4.07
N ILE A 67 -8.47 -16.20 3.34
CA ILE A 67 -7.70 -16.56 2.12
C ILE A 67 -8.43 -16.01 0.89
N ALA A 68 -7.67 -15.62 -0.13
CA ALA A 68 -8.15 -14.85 -1.29
C ALA A 68 -9.11 -15.69 -2.13
N THR A 69 -9.02 -17.01 -2.06
CA THR A 69 -9.93 -17.94 -2.79
C THR A 69 -11.36 -17.68 -2.33
N GLU A 70 -11.56 -17.10 -1.16
CA GLU A 70 -12.94 -16.85 -0.65
C GLU A 70 -13.59 -15.69 -1.41
N TYR A 71 -12.78 -14.86 -2.07
CA TYR A 71 -13.23 -13.64 -2.79
C TYR A 71 -12.59 -13.64 -4.17
N PRO A 72 -13.18 -14.39 -5.14
CA PRO A 72 -12.54 -14.62 -6.43
C PRO A 72 -12.26 -13.35 -7.21
N ASN A 73 -13.03 -12.29 -6.98
CA ASN A 73 -12.87 -10.99 -7.69
C ASN A 73 -11.56 -10.30 -7.28
N THR A 74 -10.84 -10.81 -6.28
CA THR A 74 -9.50 -10.30 -5.92
C THR A 74 -8.44 -10.89 -6.84
N LEU A 75 -8.78 -11.86 -7.70
CA LEU A 75 -7.72 -12.63 -8.41
C LEU A 75 -7.61 -12.21 -9.90
N THR A 76 -8.37 -11.22 -10.37
CA THR A 76 -8.29 -10.77 -11.79
C THR A 76 -8.23 -9.25 -11.84
N ALA A 77 -7.63 -8.71 -12.89
CA ALA A 77 -7.66 -7.26 -13.19
C ALA A 77 -9.11 -6.79 -13.27
N ASP A 78 -9.96 -7.55 -13.95
CA ASP A 78 -11.39 -7.20 -14.18
C ASP A 78 -12.13 -7.06 -12.85
N GLY A 79 -11.62 -7.68 -11.80
CA GLY A 79 -12.29 -7.70 -10.50
C GLY A 79 -11.97 -6.48 -9.63
N PHE A 80 -11.06 -5.60 -10.04
CA PHE A 80 -10.52 -4.52 -9.18
C PHE A 80 -11.67 -3.69 -8.59
N ALA A 81 -12.57 -3.22 -9.43
CA ALA A 81 -13.71 -2.35 -9.04
C ALA A 81 -14.63 -3.11 -8.09
N TYR A 82 -14.90 -4.37 -8.37
CA TYR A 82 -15.85 -5.21 -7.59
C TYR A 82 -15.51 -5.13 -6.09
N ASN A 83 -14.23 -5.27 -5.75
CA ASN A 83 -13.86 -5.42 -4.31
C ASN A 83 -14.11 -4.10 -3.60
N LEU A 84 -13.95 -2.96 -4.29
CA LEU A 84 -14.26 -1.63 -3.68
C LEU A 84 -15.77 -1.37 -3.65
N GLN A 85 -16.51 -1.93 -4.61
CA GLN A 85 -17.98 -1.75 -4.72
C GLN A 85 -18.70 -2.55 -3.64
N GLN A 86 -18.11 -3.67 -3.26
CA GLN A 86 -18.66 -4.60 -2.26
C GLN A 86 -18.73 -3.93 -0.89
N GLN A 87 -19.85 -4.13 -0.21
CA GLN A 87 -20.13 -3.63 1.14
C GLN A 87 -19.16 -4.28 2.10
N ASP A 88 -18.68 -3.49 3.06
CA ASP A 88 -17.77 -3.97 4.12
C ASP A 88 -18.64 -4.63 5.22
N ASP A 89 -18.67 -5.95 5.27
CA ASP A 89 -19.41 -6.72 6.30
C ASP A 89 -18.47 -7.19 7.42
N GLY A 90 -17.21 -6.70 7.48
CA GLY A 90 -16.24 -7.07 8.55
C GLY A 90 -15.40 -8.28 8.16
N LYS A 91 -15.74 -9.01 7.08
CA LYS A 91 -15.05 -10.25 6.62
C LYS A 91 -14.42 -10.02 5.24
N THR A 92 -14.91 -9.03 4.52
CA THR A 92 -14.50 -8.75 3.13
C THR A 92 -13.02 -8.37 3.06
N PRO A 93 -12.38 -8.57 1.88
CA PRO A 93 -10.97 -8.21 1.73
C PRO A 93 -10.69 -6.71 1.70
N VAL A 94 -11.71 -5.91 1.48
CA VAL A 94 -11.61 -4.43 1.53
C VAL A 94 -12.32 -3.97 2.80
N GLU A 95 -11.58 -3.36 3.70
CA GLU A 95 -12.13 -2.65 4.88
C GLU A 95 -12.23 -1.15 4.53
N ARG A 96 -13.44 -0.59 4.64
CA ARG A 96 -13.72 0.83 4.38
C ARG A 96 -13.36 1.67 5.61
N PHE A 97 -12.82 2.86 5.41
CA PHE A 97 -12.71 3.88 6.49
C PHE A 97 -12.87 5.25 5.87
N VAL A 98 -13.09 6.23 6.74
CA VAL A 98 -13.14 7.66 6.36
C VAL A 98 -12.11 8.38 7.26
N SER A 99 -11.13 9.07 6.70
CA SER A 99 -10.19 9.85 7.53
C SER A 99 -10.98 10.95 8.27
N GLU A 100 -10.45 11.50 9.34
CA GLU A 100 -11.08 12.64 10.05
C GLU A 100 -11.08 13.87 9.14
N ASP A 101 -10.31 13.89 8.06
CA ASP A 101 -10.40 14.95 7.02
C ASP A 101 -11.73 14.85 6.25
N GLY A 102 -12.43 13.72 6.28
CA GLY A 102 -13.66 13.48 5.49
C GLY A 102 -13.38 12.76 4.18
N ILE A 103 -12.21 12.14 4.02
CA ILE A 103 -11.87 11.54 2.70
C ILE A 103 -12.03 10.01 2.83
N ASP A 104 -12.93 9.43 2.03
CA ASP A 104 -13.11 7.97 1.98
C ASP A 104 -11.83 7.23 1.58
N ASN A 105 -11.65 6.02 2.10
CA ASN A 105 -10.39 5.28 1.95
C ASN A 105 -10.67 3.83 2.23
N VAL A 106 -9.69 2.98 1.90
CA VAL A 106 -9.76 1.52 2.16
C VAL A 106 -8.38 0.98 2.57
N ARG A 107 -8.43 -0.14 3.28
CA ARG A 107 -7.24 -0.97 3.58
C ARG A 107 -7.64 -2.44 3.41
N ALA A 108 -6.65 -3.30 3.22
CA ALA A 108 -6.81 -4.73 2.94
C ALA A 108 -7.08 -5.48 4.25
N ARG A 109 -7.85 -6.54 4.14
CA ARG A 109 -8.13 -7.46 5.27
C ARG A 109 -8.15 -8.86 4.67
N ILE A 110 -6.96 -9.40 4.35
CA ILE A 110 -6.88 -10.65 3.54
C ILE A 110 -5.44 -11.11 3.52
N LEU A 111 -5.20 -12.42 3.34
CA LEU A 111 -3.83 -12.97 3.30
C LEU A 111 -3.25 -12.58 1.93
N GLY A 112 -2.16 -11.80 1.99
CA GLY A 112 -1.54 -11.11 0.84
C GLY A 112 -1.69 -9.60 0.99
N GLY A 113 -2.53 -9.18 1.90
CA GLY A 113 -2.66 -7.75 2.24
C GLY A 113 -3.08 -6.91 1.06
N THR A 114 -2.53 -5.72 0.96
CA THR A 114 -3.04 -4.73 -0.02
C THR A 114 -2.65 -5.19 -1.44
N THR A 115 -1.70 -6.11 -1.61
CA THR A 115 -1.33 -6.61 -2.95
C THR A 115 -2.48 -7.44 -3.54
N ILE A 116 -3.46 -7.84 -2.74
CA ILE A 116 -4.61 -8.64 -3.22
C ILE A 116 -5.72 -7.71 -3.72
N ILE A 117 -5.72 -6.41 -3.39
CA ILE A 117 -6.85 -5.50 -3.74
C ILE A 117 -6.37 -4.31 -4.57
N ASN A 118 -5.07 -4.20 -4.87
CA ASN A 118 -4.52 -2.91 -5.34
C ASN A 118 -4.61 -2.87 -6.88
N ALA A 119 -4.10 -1.79 -7.45
CA ALA A 119 -4.19 -1.50 -8.89
C ALA A 119 -3.01 -2.10 -9.67
N GLY A 120 -2.17 -2.93 -9.03
CA GLY A 120 -1.20 -3.80 -9.70
C GLY A 120 0.09 -3.11 -10.16
N VAL A 121 0.20 -1.80 -10.02
CA VAL A 121 1.34 -1.08 -10.66
C VAL A 121 2.61 -1.42 -9.88
N TYR A 122 3.67 -1.84 -10.60
CA TYR A 122 4.94 -2.23 -9.96
C TYR A 122 6.09 -1.33 -10.42
N ALA A 123 6.81 -0.79 -9.44
CA ALA A 123 8.00 0.04 -9.67
C ALA A 123 9.01 -0.20 -8.56
N ARG A 124 10.29 -0.04 -8.89
CA ARG A 124 11.39 -0.04 -7.90
C ARG A 124 11.47 1.35 -7.28
N ALA A 125 12.06 1.46 -6.10
CA ALA A 125 12.26 2.78 -5.47
C ALA A 125 13.19 3.63 -6.33
N ASN A 126 12.92 4.92 -6.34
CA ASN A 126 13.84 5.99 -6.79
C ASN A 126 15.23 5.66 -6.23
N ILE A 127 16.25 5.54 -7.08
CA ILE A 127 17.57 5.02 -6.57
C ILE A 127 18.22 6.04 -5.62
N SER A 128 17.79 7.30 -5.59
CA SER A 128 18.28 8.29 -4.59
C SER A 128 17.64 8.05 -3.21
N PHE A 129 16.63 7.19 -3.10
CA PHE A 129 15.86 7.06 -1.83
C PHE A 129 16.77 6.53 -0.72
N TYR A 130 17.63 5.56 -1.06
CA TYR A 130 18.48 4.85 -0.08
C TYR A 130 19.39 5.85 0.64
N SER A 131 20.11 6.67 -0.11
CA SER A 131 21.04 7.66 0.49
C SER A 131 20.23 8.74 1.23
N GLN A 132 19.05 9.11 0.75
CA GLN A 132 18.17 10.08 1.45
C GLN A 132 17.83 9.58 2.87
N THR A 133 17.57 8.26 3.05
CA THR A 133 17.21 7.66 4.36
C THR A 133 18.38 7.74 5.34
N GLY A 134 19.60 7.62 4.83
CA GLY A 134 20.82 7.51 5.66
C GLY A 134 20.98 6.15 6.29
N ILE A 135 20.13 5.19 5.99
CA ILE A 135 20.29 3.78 6.43
C ILE A 135 21.44 3.18 5.63
N GLU A 136 22.28 2.33 6.24
CA GLU A 136 23.42 1.66 5.56
C GLU A 136 22.87 0.45 4.83
N TRP A 137 22.18 0.70 3.72
CA TRP A 137 21.62 -0.37 2.89
C TRP A 137 22.75 -1.15 2.25
N ASP A 138 22.56 -2.45 2.15
CA ASP A 138 23.32 -3.34 1.26
C ASP A 138 22.64 -3.22 -0.11
N LEU A 139 23.13 -2.31 -0.95
CA LEU A 139 22.46 -1.98 -2.23
C LEU A 139 22.48 -3.16 -3.21
N ASP A 140 23.53 -3.96 -3.23
CA ASP A 140 23.55 -5.17 -4.09
C ASP A 140 22.41 -6.11 -3.65
N LEU A 141 22.21 -6.28 -2.34
CA LEU A 141 21.20 -7.22 -1.79
C LEU A 141 19.79 -6.69 -2.09
N VAL A 142 19.60 -5.37 -1.98
CA VAL A 142 18.32 -4.70 -2.40
C VAL A 142 18.00 -5.16 -3.82
N ASN A 143 18.94 -5.02 -4.75
CA ASN A 143 18.65 -5.35 -6.17
C ASN A 143 18.38 -6.84 -6.34
N LYS A 144 19.14 -7.74 -5.71
CA LYS A 144 18.85 -9.19 -5.79
C LYS A 144 17.43 -9.45 -5.25
N THR A 145 17.04 -8.74 -4.20
CA THR A 145 15.72 -8.96 -3.54
C THR A 145 14.61 -8.45 -4.48
N TYR A 146 14.80 -7.32 -5.19
CA TYR A 146 13.84 -6.88 -6.24
C TYR A 146 13.66 -8.00 -7.28
N GLU A 147 14.78 -8.59 -7.75
CA GLU A 147 14.75 -9.65 -8.80
C GLU A 147 14.00 -10.89 -8.30
N TRP A 148 14.18 -11.27 -7.03
CA TRP A 148 13.47 -12.40 -6.40
C TRP A 148 11.96 -12.10 -6.42
N VAL A 149 11.53 -10.88 -6.09
CA VAL A 149 10.09 -10.52 -6.18
C VAL A 149 9.65 -10.55 -7.66
N GLU A 150 10.40 -9.88 -8.54
CA GLU A 150 10.01 -9.64 -9.95
C GLU A 150 9.88 -10.98 -10.68
N ASP A 151 10.86 -11.87 -10.46
CA ASP A 151 10.87 -13.27 -11.00
C ASP A 151 9.57 -13.98 -10.64
N ALA A 152 9.02 -13.71 -9.45
CA ALA A 152 7.86 -14.46 -8.95
C ALA A 152 6.56 -13.86 -9.46
N ILE A 153 6.38 -12.54 -9.43
CA ILE A 153 5.01 -11.97 -9.58
C ILE A 153 4.94 -10.75 -10.50
N VAL A 154 6.03 -10.31 -11.15
CA VAL A 154 5.95 -9.07 -12.00
C VAL A 154 6.08 -9.46 -13.48
N VAL A 155 5.25 -8.84 -14.34
CA VAL A 155 5.40 -9.01 -15.81
C VAL A 155 5.64 -7.66 -16.48
N LYS A 156 6.14 -7.77 -17.70
CA LYS A 156 6.09 -6.66 -18.66
C LYS A 156 4.68 -6.67 -19.24
N PRO A 157 3.87 -5.63 -19.04
CA PRO A 157 2.52 -5.63 -19.54
C PRO A 157 2.47 -5.59 -21.07
N ASN A 158 1.39 -6.15 -21.62
CA ASN A 158 1.04 -6.01 -23.04
C ASN A 158 0.48 -4.61 -23.30
N ASN A 159 0.46 -4.22 -24.57
CA ASN A 159 -0.11 -2.94 -25.03
C ASN A 159 -1.56 -2.87 -24.60
N GLN A 160 -1.97 -1.74 -24.08
CA GLN A 160 -3.39 -1.39 -23.90
C GLN A 160 -3.60 -0.06 -24.58
N SER A 161 -4.67 0.11 -25.33
CA SER A 161 -4.81 1.28 -26.25
C SER A 161 -4.86 2.57 -25.42
N TRP A 162 -5.64 2.62 -24.33
CA TRP A 162 -5.72 3.86 -23.51
C TRP A 162 -4.35 4.20 -22.89
N GLN A 163 -3.63 3.21 -22.37
CA GLN A 163 -2.31 3.48 -21.73
C GLN A 163 -1.37 4.05 -22.78
N SER A 164 -1.43 3.53 -24.01
CA SER A 164 -0.60 4.04 -25.14
C SER A 164 -1.00 5.48 -25.47
N VAL A 165 -2.29 5.82 -25.52
CA VAL A 165 -2.75 7.22 -25.72
C VAL A 165 -2.14 8.10 -24.62
N ILE A 166 -2.27 7.68 -23.35
CA ILE A 166 -1.84 8.55 -22.23
C ILE A 166 -0.32 8.75 -22.29
N GLY A 167 0.46 7.72 -22.63
CA GLY A 167 1.92 7.82 -22.75
C GLY A 167 2.30 8.79 -23.86
N GLU A 168 1.64 8.68 -25.00
CA GLU A 168 1.88 9.64 -26.11
C GLU A 168 1.56 11.04 -25.62
N GLY A 169 0.48 11.21 -24.87
CA GLY A 169 0.05 12.50 -24.33
C GLY A 169 1.07 13.04 -23.36
N PHE A 170 1.52 12.23 -22.40
CA PHE A 170 2.52 12.69 -21.41
C PHE A 170 3.76 13.22 -22.14
N LEU A 171 4.24 12.48 -23.13
CA LEU A 171 5.44 12.84 -23.94
C LEU A 171 5.17 14.16 -24.67
N GLU A 172 4.01 14.33 -25.29
CA GLU A 172 3.67 15.55 -26.05
C GLU A 172 3.56 16.72 -25.09
N ALA A 173 3.15 16.47 -23.84
CA ALA A 173 2.99 17.49 -22.80
C ALA A 173 4.34 17.85 -22.15
N GLY A 174 5.42 17.18 -22.54
CA GLY A 174 6.78 17.54 -22.12
C GLY A 174 7.26 16.72 -20.92
N ILE A 175 6.57 15.62 -20.59
CA ILE A 175 7.06 14.73 -19.51
C ILE A 175 8.09 13.80 -20.11
N LEU A 176 9.33 14.28 -20.18
CA LEU A 176 10.43 13.68 -20.96
C LEU A 176 11.53 13.24 -19.99
N PRO A 177 12.41 12.30 -20.38
CA PRO A 177 12.36 11.68 -21.71
C PRO A 177 11.43 10.46 -21.81
N ASP A 178 11.42 9.82 -22.97
CA ASP A 178 10.72 8.54 -23.20
C ASP A 178 11.61 7.44 -22.62
N ASN A 179 11.21 6.81 -21.51
CA ASN A 179 12.06 5.78 -20.90
C ASN A 179 11.72 4.40 -21.44
N GLY A 180 10.75 4.27 -22.35
CA GLY A 180 10.37 2.94 -22.88
C GLY A 180 9.80 2.05 -21.76
N PHE A 181 10.16 0.77 -21.72
CA PHE A 181 9.76 -0.16 -20.63
C PHE A 181 10.88 -0.16 -19.59
N SER A 182 10.53 0.23 -18.36
CA SER A 182 11.50 0.32 -17.24
C SER A 182 10.73 0.16 -15.92
N LEU A 183 11.28 -0.61 -14.98
CA LEU A 183 10.72 -0.72 -13.61
C LEU A 183 11.17 0.46 -12.74
N ASP A 184 12.14 1.24 -13.21
CA ASP A 184 12.73 2.31 -12.35
C ASP A 184 11.89 3.57 -12.31
N HIS A 185 11.82 4.16 -11.12
CA HIS A 185 11.22 5.49 -10.87
C HIS A 185 12.23 6.56 -11.29
N GLU A 186 12.00 7.13 -12.45
CA GLU A 186 12.85 8.16 -13.11
C GLU A 186 11.95 9.17 -13.80
N ALA A 187 12.41 10.41 -13.87
CA ALA A 187 11.76 11.52 -14.59
C ALA A 187 11.52 11.03 -16.01
N GLY A 188 10.31 11.27 -16.51
CA GLY A 188 9.95 10.91 -17.89
C GLY A 188 8.75 10.01 -17.93
N THR A 189 8.46 9.48 -19.10
CA THR A 189 7.28 8.65 -19.41
C THR A 189 7.75 7.23 -19.68
N ARG A 190 7.12 6.25 -19.08
CA ARG A 190 7.51 4.85 -19.28
C ARG A 190 6.30 3.93 -19.17
N LEU A 191 6.47 2.73 -19.73
CA LEU A 191 5.69 1.54 -19.33
C LEU A 191 6.44 0.94 -18.15
N THR A 192 5.76 0.71 -17.03
CA THR A 192 6.35 0.03 -15.86
C THR A 192 5.81 -1.39 -15.80
N GLY A 193 6.25 -2.13 -14.79
CA GLY A 193 5.78 -3.52 -14.56
C GLY A 193 4.38 -3.57 -13.93
N SER A 194 3.77 -4.75 -13.94
CA SER A 194 2.47 -4.99 -13.29
C SER A 194 2.46 -6.36 -12.57
N THR A 195 1.77 -6.42 -11.45
CA THR A 195 1.48 -7.71 -10.73
C THR A 195 0.19 -8.33 -11.28
N PHE A 196 -0.46 -7.72 -12.28
CA PHE A 196 -1.46 -8.44 -13.10
C PHE A 196 -0.69 -9.00 -14.29
N ASP A 197 -0.84 -10.28 -14.61
CA ASP A 197 -0.09 -10.89 -15.74
C ASP A 197 -0.83 -10.56 -17.03
N ASN A 198 -0.35 -11.04 -18.18
CA ASN A 198 -0.93 -10.64 -19.49
C ASN A 198 -2.24 -11.37 -19.78
N ASN A 199 -2.65 -12.32 -18.95
CA ASN A 199 -4.01 -12.93 -19.00
C ASN A 199 -4.97 -12.24 -18.02
N GLY A 200 -4.54 -11.17 -17.36
CA GLY A 200 -5.31 -10.47 -16.30
C GLY A 200 -5.35 -11.21 -14.98
N THR A 201 -4.57 -12.27 -14.76
CA THR A 201 -4.53 -12.95 -13.44
C THR A 201 -3.74 -12.11 -12.43
N ARG A 202 -4.31 -11.85 -11.26
CA ARG A 202 -3.55 -11.08 -10.25
C ARG A 202 -2.51 -12.00 -9.62
N HIS A 203 -1.27 -11.52 -9.46
CA HIS A 203 -0.24 -12.14 -8.63
C HIS A 203 0.01 -11.18 -7.46
N ALA A 204 0.46 -11.73 -6.34
CA ALA A 204 0.43 -10.97 -5.08
C ALA A 204 1.40 -11.55 -4.06
N ALA A 205 1.52 -10.85 -2.94
CA ALA A 205 2.48 -11.13 -1.87
C ALA A 205 2.22 -12.50 -1.28
N ASP A 206 0.97 -12.95 -1.27
CA ASP A 206 0.65 -14.31 -0.73
C ASP A 206 1.45 -15.38 -1.50
N GLU A 207 1.70 -15.17 -2.79
CA GLU A 207 2.42 -16.17 -3.62
C GLU A 207 3.88 -16.24 -3.22
N LEU A 208 4.42 -15.21 -2.56
CA LEU A 208 5.81 -15.30 -2.04
C LEU A 208 5.88 -16.28 -0.84
N LEU A 209 4.75 -16.64 -0.21
CA LEU A 209 4.72 -17.73 0.82
C LEU A 209 5.13 -19.07 0.19
N ASN A 210 5.00 -19.21 -1.13
CA ASN A 210 5.43 -20.42 -1.87
C ASN A 210 6.95 -20.55 -1.81
N LYS A 211 7.69 -19.47 -1.53
CA LYS A 211 9.18 -19.49 -1.43
C LYS A 211 9.58 -19.92 -0.01
N GLY A 212 8.64 -20.00 0.92
CA GLY A 212 8.95 -20.43 2.28
C GLY A 212 9.21 -21.92 2.34
N ASP A 213 9.78 -22.35 3.44
CA ASP A 213 10.03 -23.80 3.70
C ASP A 213 8.78 -24.36 4.36
N PRO A 214 8.05 -25.29 3.70
CA PRO A 214 6.78 -25.76 4.21
C PRO A 214 6.88 -26.59 5.48
N ASN A 215 8.09 -26.95 5.92
CA ASN A 215 8.32 -27.64 7.21
C ASN A 215 8.52 -26.63 8.34
N ASN A 216 8.74 -25.37 8.01
CA ASN A 216 9.07 -24.34 9.02
C ASN A 216 8.03 -23.22 9.07
N LEU A 217 7.21 -23.06 8.04
CA LEU A 217 6.26 -21.91 8.03
C LEU A 217 4.84 -22.37 8.32
N LEU A 218 4.18 -21.73 9.28
CA LEU A 218 2.73 -21.90 9.53
C LEU A 218 2.06 -20.53 9.41
N VAL A 219 0.87 -20.54 8.82
CA VAL A 219 0.03 -19.32 8.64
C VAL A 219 -1.30 -19.59 9.30
N ALA A 220 -1.68 -18.70 10.19
CA ALA A 220 -3.02 -18.67 10.81
C ALA A 220 -3.82 -17.51 10.20
N VAL A 221 -4.96 -17.84 9.63
CA VAL A 221 -5.88 -16.84 9.03
C VAL A 221 -7.07 -16.64 9.98
N GLN A 222 -7.77 -15.55 9.77
CA GLN A 222 -8.79 -15.00 10.74
C GLN A 222 -8.18 -15.02 12.15
N ALA A 223 -6.92 -14.62 12.23
CA ALA A 223 -6.15 -14.45 13.49
C ALA A 223 -6.03 -12.95 13.76
N SER A 224 -6.84 -12.43 14.68
CA SER A 224 -6.84 -10.97 14.99
C SER A 224 -5.90 -10.74 16.18
N VAL A 225 -4.70 -10.20 15.94
CA VAL A 225 -3.67 -10.03 16.98
C VAL A 225 -4.04 -8.79 17.80
N GLU A 226 -4.28 -8.96 19.11
CA GLU A 226 -4.92 -7.93 19.99
C GLU A 226 -3.86 -7.30 20.87
N LYS A 227 -2.76 -8.00 21.11
CA LYS A 227 -1.73 -7.52 22.04
C LYS A 227 -0.40 -8.19 21.77
N ILE A 228 0.67 -7.41 21.88
CA ILE A 228 2.08 -7.89 21.99
C ILE A 228 2.36 -8.13 23.49
N LEU A 229 2.88 -9.31 23.83
CA LEU A 229 3.22 -9.69 25.22
C LEU A 229 4.69 -9.37 25.43
N PHE A 230 5.02 -8.86 26.61
CA PHE A 230 6.39 -8.46 26.96
C PHE A 230 6.88 -9.22 28.20
N SER A 231 8.21 -9.33 28.32
CA SER A 231 8.93 -9.84 29.51
C SER A 231 8.54 -8.97 30.71
N SER A 232 8.55 -9.54 31.91
CA SER A 232 8.15 -8.85 33.18
C SER A 232 9.39 -8.45 33.99
N ASN A 233 9.78 -7.17 33.96
CA ASN A 233 10.90 -6.58 34.74
C ASN A 233 10.98 -5.07 34.49
N ASN A 236 15.38 -5.22 31.30
CA ASN A 236 15.66 -5.95 30.03
C ASN A 236 14.36 -6.24 29.27
N LEU A 237 13.69 -5.21 28.80
CA LEU A 237 12.34 -5.31 28.20
C LEU A 237 12.45 -5.97 26.84
N SER A 238 11.72 -7.06 26.66
CA SER A 238 11.66 -7.89 25.44
C SER A 238 10.21 -8.14 25.08
N ALA A 239 9.90 -8.15 23.79
CA ALA A 239 8.68 -8.79 23.28
C ALA A 239 8.85 -10.29 23.43
N ILE A 240 7.84 -11.01 23.89
CA ILE A 240 7.92 -12.48 24.07
C ILE A 240 6.84 -13.19 23.29
N GLY A 241 5.80 -12.49 22.81
CA GLY A 241 4.71 -13.19 22.13
C GLY A 241 3.52 -12.30 21.86
N VAL A 242 2.37 -12.92 21.56
CA VAL A 242 1.12 -12.21 21.15
C VAL A 242 -0.09 -12.94 21.73
N ILE A 243 -1.16 -12.18 21.93
CA ILE A 243 -2.54 -12.69 22.09
C ILE A 243 -3.25 -12.47 20.78
N TYR A 244 -3.88 -13.49 20.22
CA TYR A 244 -4.76 -13.30 19.06
C TYR A 244 -6.08 -13.98 19.31
N THR A 245 -7.14 -13.47 18.71
CA THR A 245 -8.45 -14.14 18.78
C THR A 245 -8.80 -14.70 17.41
N ASP A 246 -9.66 -15.70 17.42
CA ASP A 246 -10.15 -16.43 16.22
C ASP A 246 -11.53 -15.90 15.82
N SER A 247 -12.10 -16.44 14.75
CA SER A 247 -13.38 -15.98 14.14
C SER A 247 -14.55 -16.28 15.06
N ASP A 248 -14.41 -17.22 15.99
CA ASP A 248 -15.44 -17.52 17.03
C ASP A 248 -15.26 -16.60 18.25
N GLY A 249 -14.17 -15.86 18.32
CA GLY A 249 -13.92 -14.95 19.45
C GLY A 249 -13.03 -15.53 20.55
N ASN A 250 -12.65 -16.81 20.50
CA ASN A 250 -11.73 -17.40 21.49
C ASN A 250 -10.30 -16.88 21.31
N SER A 251 -9.60 -16.80 22.44
CA SER A 251 -8.26 -16.23 22.57
C SER A 251 -7.21 -17.35 22.48
N HIS A 252 -6.02 -16.97 22.04
CA HIS A 252 -4.88 -17.85 21.76
C HIS A 252 -3.62 -17.08 22.10
N GLN A 253 -2.58 -17.81 22.47
CA GLN A 253 -1.25 -17.20 22.67
C GLN A 253 -0.21 -17.94 21.86
N ALA A 254 0.74 -17.16 21.31
CA ALA A 254 1.99 -17.70 20.72
C ALA A 254 3.18 -16.87 21.20
N PHE A 255 4.33 -17.55 21.32
CA PHE A 255 5.56 -16.97 21.88
C PHE A 255 6.72 -17.18 20.91
N VAL A 256 7.74 -16.34 21.07
CA VAL A 256 9.06 -16.55 20.43
C VAL A 256 9.96 -17.09 21.52
N ARG A 257 11.09 -17.61 21.11
CA ARG A 257 12.01 -18.32 22.01
C ARG A 257 13.44 -17.91 21.68
N GLY A 258 14.34 -18.09 22.63
CA GLY A 258 15.77 -17.82 22.44
C GLY A 258 16.01 -16.47 21.80
N ASN A 259 16.68 -16.48 20.67
CA ASN A 259 17.14 -15.23 20.00
C ASN A 259 16.11 -14.80 18.95
N GLY A 260 14.88 -15.30 19.05
CA GLY A 260 13.79 -14.99 18.11
C GLY A 260 13.18 -13.61 18.36
N GLU A 261 12.18 -13.26 17.54
CA GLU A 261 11.66 -11.88 17.47
C GLU A 261 10.22 -11.91 16.97
N VAL A 262 9.49 -10.92 17.41
CA VAL A 262 8.14 -10.59 16.93
C VAL A 262 8.34 -9.45 15.93
N ILE A 263 7.76 -9.56 14.75
CA ILE A 263 7.76 -8.44 13.77
C ILE A 263 6.32 -8.04 13.48
N VAL A 264 6.03 -6.74 13.65
CA VAL A 264 4.73 -6.13 13.30
C VAL A 264 4.80 -5.68 11.83
N SER A 265 3.87 -6.18 11.03
CA SER A 265 3.73 -5.90 9.57
C SER A 265 2.25 -5.64 9.29
N ALA A 266 1.59 -4.96 10.22
CA ALA A 266 0.12 -4.79 10.21
C ALA A 266 -0.28 -3.52 9.45
N GLY A 267 0.67 -2.86 8.78
CA GLY A 267 0.38 -1.71 7.91
C GLY A 267 0.41 -0.37 8.62
N THR A 268 0.35 0.70 7.85
CA THR A 268 0.31 2.08 8.36
C THR A 268 -0.76 2.19 9.46
N ILE A 269 -1.92 1.59 9.27
CA ILE A 269 -3.00 1.70 10.30
C ILE A 269 -2.80 0.65 11.40
N GLY A 270 -2.56 -0.62 11.03
CA GLY A 270 -2.60 -1.69 12.04
C GLY A 270 -1.40 -1.72 12.94
N THR A 271 -0.22 -1.32 12.47
CA THR A 271 1.00 -1.39 13.31
C THR A 271 0.91 -0.37 14.44
N PRO A 272 0.65 0.92 14.18
CA PRO A 272 0.58 1.88 15.30
C PRO A 272 -0.54 1.47 16.25
N GLN A 273 -1.68 1.07 15.71
CA GLN A 273 -2.84 0.63 16.56
C GLN A 273 -2.38 -0.45 17.54
N LEU A 274 -1.68 -1.49 17.07
CA LEU A 274 -1.32 -2.63 17.95
C LEU A 274 -0.22 -2.18 18.92
N LEU A 275 0.68 -1.31 18.49
CA LEU A 275 1.71 -0.78 19.41
C LEU A 275 1.02 -0.02 20.55
N LEU A 276 0.04 0.84 20.22
CA LEU A 276 -0.65 1.67 21.25
C LEU A 276 -1.44 0.76 22.19
N LEU A 277 -2.18 -0.22 21.66
CA LEU A 277 -2.95 -1.19 22.49
C LEU A 277 -2.02 -1.97 23.42
N SER A 278 -0.75 -2.15 23.03
CA SER A 278 0.23 -2.96 23.79
C SER A 278 1.05 -2.07 24.75
N GLY A 279 0.75 -0.78 24.82
CA GLY A 279 1.43 0.16 25.75
C GLY A 279 2.77 0.69 25.26
N VAL A 280 2.96 0.75 23.95
CA VAL A 280 4.15 1.32 23.29
C VAL A 280 3.66 2.58 22.60
N GLY A 281 4.03 3.74 23.13
CA GLY A 281 3.50 4.98 22.56
C GLY A 281 3.62 6.15 23.51
N PRO A 282 3.00 7.28 23.18
CA PRO A 282 3.21 8.51 23.94
C PRO A 282 2.70 8.32 25.37
N GLU A 283 3.50 8.71 26.35
CA GLU A 283 3.25 8.46 27.80
C GLU A 283 1.96 9.18 28.21
N SER A 284 1.79 10.45 27.86
CA SER A 284 0.62 11.23 28.34
C SER A 284 -0.65 10.69 27.68
N TYR A 285 -0.60 10.38 26.40
CA TYR A 285 -1.74 9.84 25.61
C TYR A 285 -2.20 8.52 26.24
N LEU A 286 -1.28 7.56 26.32
CA LEU A 286 -1.61 6.22 26.89
C LEU A 286 -2.07 6.31 28.35
N SER A 287 -1.40 7.10 29.20
CA SER A 287 -1.83 7.30 30.60
C SER A 287 -3.27 7.83 30.63
N SER A 288 -3.60 8.74 29.75
CA SER A 288 -4.94 9.38 29.69
C SER A 288 -5.99 8.32 29.35
N LEU A 289 -5.61 7.20 28.70
CA LEU A 289 -6.56 6.10 28.38
C LEU A 289 -6.50 4.97 29.44
N ASN A 290 -5.69 5.14 30.48
CA ASN A 290 -5.38 4.13 31.52
C ASN A 290 -4.81 2.88 30.85
N ILE A 291 -4.05 3.03 29.78
CA ILE A 291 -3.28 1.90 29.21
C ILE A 291 -1.90 1.96 29.87
N THR A 292 -1.48 0.88 30.50
CA THR A 292 -0.17 0.82 31.20
C THR A 292 0.94 0.97 30.16
N VAL A 293 1.86 1.89 30.41
CA VAL A 293 2.94 2.21 29.46
C VAL A 293 4.02 1.15 29.65
N VAL A 294 4.37 0.45 28.58
CA VAL A 294 5.47 -0.54 28.60
C VAL A 294 6.71 0.18 28.08
N GLN A 295 6.58 0.96 27.02
CA GLN A 295 7.71 1.73 26.42
C GLN A 295 7.18 3.08 25.93
N PRO A 296 7.54 4.19 26.64
CA PRO A 296 7.13 5.52 26.23
C PRO A 296 7.85 5.87 24.94
N ASN A 297 7.10 6.34 23.97
CA ASN A 297 7.67 6.84 22.68
C ASN A 297 6.67 7.84 22.11
N PRO A 298 7.05 9.13 22.04
CA PRO A 298 6.11 10.16 21.64
C PRO A 298 5.63 10.05 20.18
N TYR A 299 6.21 9.15 19.40
CA TYR A 299 6.04 9.15 17.92
C TYR A 299 5.21 7.97 17.41
N VAL A 300 4.69 7.11 18.29
CA VAL A 300 3.89 5.98 17.79
C VAL A 300 2.54 6.52 17.32
N GLY A 301 2.20 6.28 16.04
CA GLY A 301 0.98 6.83 15.42
C GLY A 301 1.12 8.30 15.06
N GLN A 302 2.30 8.88 15.18
CA GLN A 302 2.61 10.24 14.68
C GLN A 302 3.29 10.14 13.32
N PHE A 303 3.28 11.21 12.53
CA PHE A 303 3.91 11.25 11.18
C PHE A 303 3.26 10.19 10.30
N VAL A 304 1.94 10.29 10.21
CA VAL A 304 1.13 9.44 9.30
C VAL A 304 0.77 10.29 8.08
N TYR A 305 1.04 9.78 6.89
CA TYR A 305 0.98 10.57 5.64
C TYR A 305 0.01 9.91 4.63
N ASP A 306 -0.70 10.71 3.85
CA ASP A 306 -1.47 10.21 2.68
C ASP A 306 -1.23 11.12 1.47
N ASN A 307 -0.46 10.63 0.50
CA ASN A 307 -0.20 11.39 -0.75
C ASN A 307 -1.52 11.72 -1.41
N PRO A 308 -1.79 13.01 -1.67
CA PRO A 308 -3.02 13.38 -2.36
C PRO A 308 -3.13 12.81 -3.78
N ARG A 309 -4.36 12.48 -4.15
CA ARG A 309 -4.77 12.20 -5.55
C ARG A 309 -5.68 13.34 -5.97
N ASN A 310 -5.36 13.99 -7.07
CA ASN A 310 -6.27 14.95 -7.71
C ASN A 310 -6.45 14.48 -9.14
N PHE A 311 -7.60 14.80 -9.72
CA PHE A 311 -8.03 14.09 -10.94
C PHE A 311 -9.07 14.91 -11.69
N ILE A 312 -9.18 14.60 -12.96
CA ILE A 312 -10.40 14.93 -13.74
C ILE A 312 -10.85 13.65 -14.42
N ASN A 313 -12.10 13.62 -14.85
CA ASN A 313 -12.74 12.47 -15.54
C ASN A 313 -13.26 12.98 -16.88
N ILE A 314 -12.83 12.37 -17.96
CA ILE A 314 -13.40 12.74 -19.28
C ILE A 314 -14.29 11.59 -19.77
N LEU A 315 -15.35 11.97 -20.47
CA LEU A 315 -16.32 11.03 -21.09
C LEU A 315 -16.19 11.15 -22.59
N PRO A 316 -15.42 10.27 -23.26
CA PRO A 316 -15.26 10.36 -24.69
C PRO A 316 -16.58 10.06 -25.37
N PRO A 317 -16.82 10.64 -26.57
CA PRO A 317 -18.10 10.46 -27.27
C PRO A 317 -18.18 9.08 -27.93
N ASN A 318 -17.05 8.37 -28.10
CA ASN A 318 -17.00 6.95 -28.53
C ASN A 318 -16.42 6.11 -27.39
N PRO A 319 -16.81 4.82 -27.20
CA PRO A 319 -16.29 4.01 -26.11
C PRO A 319 -14.78 3.87 -26.16
N ILE A 320 -14.14 3.92 -24.98
CA ILE A 320 -12.72 3.51 -24.84
C ILE A 320 -12.66 2.17 -24.09
N GLU A 321 -11.62 1.38 -24.33
CA GLU A 321 -11.39 0.07 -23.67
C GLU A 321 -10.84 0.33 -22.27
N ALA A 322 -11.43 -0.32 -21.27
CA ALA A 322 -10.96 -0.31 -19.88
C ALA A 322 -9.51 -0.77 -19.88
N SER A 323 -8.72 -0.26 -18.94
CA SER A 323 -7.29 -0.58 -18.81
C SER A 323 -6.90 -0.60 -17.33
N VAL A 324 -5.86 -1.35 -17.05
CA VAL A 324 -5.09 -1.21 -15.79
C VAL A 324 -3.93 -0.27 -16.07
N VAL A 325 -3.57 0.50 -15.04
CA VAL A 325 -2.51 1.52 -15.17
C VAL A 325 -1.19 0.81 -15.39
N THR A 326 -0.48 1.17 -16.45
CA THR A 326 0.89 0.68 -16.71
C THR A 326 1.83 1.79 -17.17
N VAL A 327 1.29 2.93 -17.57
CA VAL A 327 2.06 4.03 -18.19
C VAL A 327 2.11 5.20 -17.22
N LEU A 328 3.32 5.58 -16.84
CA LEU A 328 3.55 6.60 -15.79
C LEU A 328 4.27 7.82 -16.40
N GLY A 329 3.78 9.01 -16.04
CA GLY A 329 4.40 10.32 -16.30
C GLY A 329 4.97 10.89 -15.00
N ILE A 330 6.29 10.88 -14.88
CA ILE A 330 6.99 11.19 -13.61
C ILE A 330 7.79 12.49 -13.76
N ARG A 331 7.54 13.41 -12.82
CA ARG A 331 8.40 14.57 -12.50
C ARG A 331 8.72 14.48 -11.01
N SER A 332 9.73 15.24 -10.59
CA SER A 332 10.04 15.42 -9.14
C SER A 332 8.83 15.87 -8.34
N ASP A 333 8.02 16.77 -8.89
CA ASP A 333 6.96 17.45 -8.12
C ASP A 333 5.58 16.85 -8.39
N TYR A 334 5.45 15.85 -9.26
CA TYR A 334 4.16 15.17 -9.51
C TYR A 334 4.35 13.89 -10.30
N TYR A 335 3.50 12.91 -9.99
CA TYR A 335 3.48 11.57 -10.60
C TYR A 335 2.09 11.37 -11.19
N GLN A 336 2.00 11.12 -12.49
CA GLN A 336 0.71 11.10 -13.21
C GLN A 336 0.46 9.74 -13.86
N VAL A 337 -0.82 9.34 -13.90
CA VAL A 337 -1.28 8.13 -14.63
C VAL A 337 -2.72 8.40 -15.07
N SER A 338 -3.27 7.46 -15.81
CA SER A 338 -4.71 7.47 -16.12
C SER A 338 -5.21 6.05 -16.27
N ALA A 339 -6.36 5.78 -15.68
CA ALA A 339 -7.10 4.54 -15.92
C ALA A 339 -8.34 4.84 -16.77
N SER A 340 -8.70 3.91 -17.61
CA SER A 340 -9.98 3.93 -18.38
C SER A 340 -10.85 2.84 -17.76
N SER A 341 -12.14 3.14 -17.59
CA SER A 341 -13.07 2.30 -16.81
C SER A 341 -14.40 2.17 -17.57
N LEU A 342 -15.05 1.02 -17.41
CA LEU A 342 -16.52 0.89 -17.66
C LEU A 342 -17.27 1.84 -16.73
N PRO A 343 -18.53 2.17 -17.11
CA PRO A 343 -19.42 2.94 -16.25
C PRO A 343 -19.85 2.05 -15.07
N PHE A 344 -20.51 2.61 -14.07
CA PHE A 344 -21.07 1.82 -12.94
C PHE A 344 -22.20 2.62 -12.30
N SER A 345 -23.13 1.93 -11.63
CA SER A 345 -24.24 2.54 -10.84
C SER A 345 -24.00 2.30 -9.35
N THR A 346 -23.09 1.37 -8.99
CA THR A 346 -22.55 1.27 -7.62
C THR A 346 -21.12 1.83 -7.63
N PRO A 347 -20.78 2.87 -6.85
CA PRO A 347 -19.42 3.41 -6.92
C PRO A 347 -18.41 2.49 -6.24
N PRO A 348 -17.19 2.33 -6.79
CA PRO A 348 -16.11 1.72 -6.04
C PRO A 348 -15.75 2.67 -4.89
N PHE A 349 -15.92 2.23 -3.65
CA PHE A 349 -15.70 3.06 -2.45
C PHE A 349 -14.26 3.58 -2.46
N SER A 350 -14.15 4.90 -2.27
CA SER A 350 -12.91 5.69 -2.14
C SER A 350 -12.29 6.06 -3.50
N LEU A 351 -12.74 5.52 -4.64
CA LEU A 351 -12.28 6.03 -5.96
C LEU A 351 -12.54 7.55 -5.98
N PHE A 352 -13.77 7.95 -5.66
CA PHE A 352 -14.16 9.36 -5.43
C PHE A 352 -14.19 9.57 -3.93
N PRO A 353 -13.88 10.79 -3.46
CA PRO A 353 -13.62 10.98 -2.04
C PRO A 353 -14.86 10.87 -1.13
N THR A 354 -16.08 10.99 -1.66
CA THR A 354 -17.33 10.76 -0.87
C THR A 354 -18.33 9.94 -1.71
N THR A 355 -19.38 9.47 -1.05
CA THR A 355 -20.48 8.70 -1.67
C THR A 355 -21.36 9.62 -2.53
N SER A 356 -21.24 10.95 -2.38
CA SER A 356 -22.10 11.98 -3.06
C SER A 356 -21.66 12.25 -4.52
N TYR A 357 -20.66 11.58 -5.04
CA TYR A 357 -20.04 11.92 -6.34
C TYR A 357 -20.91 11.42 -7.49
N PRO A 358 -21.07 12.19 -8.58
CA PRO A 358 -21.89 11.73 -9.70
C PRO A 358 -21.34 10.44 -10.32
N LEU A 359 -22.25 9.59 -10.80
CA LEU A 359 -21.91 8.26 -11.37
C LEU A 359 -21.76 8.42 -12.87
N PRO A 360 -20.78 7.74 -13.48
CA PRO A 360 -20.64 7.71 -14.93
C PRO A 360 -21.62 6.74 -15.62
N ASN A 361 -22.17 7.23 -16.73
CA ASN A 361 -23.20 6.56 -17.55
C ASN A 361 -22.54 5.85 -18.71
N SER A 362 -21.31 6.23 -19.09
CA SER A 362 -20.55 5.69 -20.24
C SER A 362 -19.08 5.51 -19.84
N THR A 363 -18.24 4.95 -20.72
CA THR A 363 -16.81 4.73 -20.39
C THR A 363 -16.12 6.08 -20.11
N PHE A 364 -15.10 6.08 -19.26
CA PHE A 364 -14.46 7.34 -18.82
C PHE A 364 -12.98 7.06 -18.55
N ALA A 365 -12.20 8.11 -18.68
CA ALA A 365 -10.77 8.10 -18.32
C ALA A 365 -10.65 8.93 -17.06
N HIS A 366 -10.13 8.31 -16.00
CA HIS A 366 -9.79 8.99 -14.74
C HIS A 366 -8.33 9.38 -14.89
N ILE A 367 -8.04 10.68 -14.90
CA ILE A 367 -6.69 11.22 -15.26
C ILE A 367 -6.16 11.87 -13.99
N VAL A 368 -5.00 11.44 -13.51
CA VAL A 368 -4.68 11.62 -12.09
C VAL A 368 -3.28 12.22 -11.93
N SER A 369 -3.09 12.98 -10.87
CA SER A 369 -1.76 13.47 -10.43
C SER A 369 -1.62 13.22 -8.93
N GLN A 370 -0.42 12.79 -8.53
CA GLN A 370 -0.10 12.43 -7.13
C GLN A 370 0.95 13.45 -6.62
N VAL A 371 0.71 14.00 -5.45
CA VAL A 371 1.69 14.90 -4.78
C VAL A 371 2.74 14.04 -4.07
N PRO A 372 4.03 14.32 -4.32
CA PRO A 372 5.09 13.60 -3.62
C PRO A 372 5.25 14.02 -2.17
N GLY A 373 5.90 13.13 -1.41
CA GLY A 373 6.11 13.22 0.04
C GLY A 373 5.00 12.44 0.72
N PRO A 374 3.88 13.08 1.09
CA PRO A 374 3.69 14.53 1.04
C PRO A 374 4.37 15.08 2.31
N LEU A 375 4.37 16.39 2.47
CA LEU A 375 4.96 17.06 3.66
C LEU A 375 3.90 17.19 4.76
N SER A 376 2.63 17.26 4.40
CA SER A 376 1.49 17.33 5.34
C SER A 376 1.42 15.98 6.06
N HIS A 377 1.18 15.99 7.36
CA HIS A 377 1.05 14.70 8.09
C HIS A 377 -0.01 14.85 9.18
N GLY A 378 -0.49 13.71 9.66
CA GLY A 378 -1.37 13.65 10.84
C GLY A 378 -1.00 12.43 11.64
N SER A 379 -2.02 11.74 12.13
CA SER A 379 -1.79 10.72 13.18
C SER A 379 -2.85 9.62 13.14
N VAL A 380 -2.50 8.50 13.76
CA VAL A 380 -3.40 7.38 14.12
C VAL A 380 -3.56 7.41 15.65
N THR A 381 -4.81 7.47 16.12
CA THR A 381 -5.13 7.32 17.55
C THR A 381 -6.15 6.21 17.72
N LEU A 382 -6.20 5.64 18.91
CA LEU A 382 -7.14 4.55 19.20
C LEU A 382 -8.56 5.09 19.32
N ASN A 383 -9.50 4.33 18.79
CA ASN A 383 -10.95 4.58 18.97
C ASN A 383 -11.41 3.77 20.19
N SER A 384 -11.08 2.48 20.22
CA SER A 384 -11.21 1.57 21.38
C SER A 384 -9.84 1.35 22.01
N SER A 385 -9.74 1.40 23.34
CA SER A 385 -8.48 1.13 24.09
C SER A 385 -8.27 -0.37 24.31
N SER A 386 -9.16 -1.24 23.82
CA SER A 386 -9.03 -2.70 24.03
C SER A 386 -9.25 -3.48 22.72
N ASP A 387 -10.16 -3.06 21.84
CA ASP A 387 -10.65 -3.97 20.77
C ASP A 387 -9.95 -3.63 19.45
N VAL A 388 -9.07 -4.53 18.98
CA VAL A 388 -8.25 -4.30 17.75
C VAL A 388 -9.14 -4.37 16.51
N ARG A 389 -10.35 -4.93 16.60
CA ARG A 389 -11.28 -5.00 15.45
C ARG A 389 -11.98 -3.66 15.24
N ILE A 390 -11.92 -2.74 16.21
CA ILE A 390 -12.49 -1.39 16.03
C ILE A 390 -11.41 -0.56 15.39
N ALA A 391 -11.67 -0.03 14.20
CA ALA A 391 -10.66 0.72 13.42
C ALA A 391 -10.19 1.90 14.25
N PRO A 392 -8.91 2.25 14.21
CA PRO A 392 -8.47 3.48 14.85
C PRO A 392 -8.92 4.73 14.07
N ASN A 393 -8.85 5.90 14.71
CA ASN A 393 -9.07 7.19 14.06
C ASN A 393 -7.80 7.51 13.27
N ILE A 394 -7.96 8.09 12.11
CA ILE A 394 -6.78 8.48 11.29
C ILE A 394 -7.11 9.82 10.64
N LYS A 395 -6.14 10.72 10.69
CA LYS A 395 -6.24 12.06 10.09
C LYS A 395 -4.94 12.35 9.34
N PHE A 396 -5.04 12.86 8.13
CA PHE A 396 -3.86 13.09 7.25
C PHE A 396 -3.51 14.56 7.11
N ASN A 397 -4.44 15.48 7.40
CA ASN A 397 -4.26 16.95 7.29
C ASN A 397 -3.83 17.35 5.87
N TYR A 398 -4.51 16.84 4.87
CA TYR A 398 -4.24 17.09 3.44
C TYR A 398 -4.02 18.59 3.22
N TYR A 399 -2.91 18.95 2.59
CA TYR A 399 -2.61 20.35 2.15
C TYR A 399 -2.49 21.30 3.36
N SER A 400 -2.15 20.79 4.53
CA SER A 400 -1.81 21.65 5.71
C SER A 400 -0.46 22.32 5.44
N ASN A 401 0.36 21.68 4.61
CA ASN A 401 1.70 22.17 4.24
C ASN A 401 1.58 22.82 2.86
N SER A 402 1.87 24.12 2.76
CA SER A 402 1.68 24.90 1.50
C SER A 402 2.50 24.30 0.34
N THR A 403 3.64 23.65 0.60
CA THR A 403 4.47 23.06 -0.49
C THR A 403 3.67 21.97 -1.24
N ASP A 404 2.91 21.15 -0.50
CA ASP A 404 2.03 20.13 -1.11
C ASP A 404 1.00 20.83 -2.04
N LEU A 405 0.41 21.93 -1.58
CA LEU A 405 -0.58 22.68 -2.38
C LEU A 405 0.10 23.20 -3.65
N ALA A 406 1.31 23.74 -3.54
CA ALA A 406 2.09 24.27 -4.70
C ALA A 406 2.34 23.14 -5.71
N ASN A 407 2.64 21.94 -5.21
CA ASN A 407 2.93 20.79 -6.10
C ASN A 407 1.63 20.33 -6.77
N CYS A 408 0.50 20.35 -6.08
CA CYS A 408 -0.81 20.00 -6.72
C CYS A 408 -1.09 21.03 -7.83
N VAL A 409 -0.84 22.30 -7.56
CA VAL A 409 -1.08 23.34 -8.59
C VAL A 409 -0.24 23.02 -9.83
N SER A 410 1.04 22.68 -9.67
CA SER A 410 1.92 22.34 -10.81
C SER A 410 1.38 21.10 -11.54
N GLY A 411 0.96 20.07 -10.79
CA GLY A 411 0.43 18.81 -11.36
C GLY A 411 -0.84 19.09 -12.18
N MET A 412 -1.74 19.89 -11.65
CA MET A 412 -3.03 20.22 -12.31
C MET A 412 -2.76 21.02 -13.60
N LYS A 413 -1.84 21.99 -13.59
CA LYS A 413 -1.42 22.72 -14.82
C LYS A 413 -0.87 21.71 -15.84
N LYS A 414 -0.13 20.68 -15.41
CA LYS A 414 0.42 19.67 -16.36
C LYS A 414 -0.72 18.81 -16.90
N LEU A 415 -1.74 18.46 -16.10
CA LEU A 415 -2.92 17.74 -16.64
C LEU A 415 -3.63 18.62 -17.67
N GLY A 416 -3.64 19.94 -17.46
CA GLY A 416 -4.09 20.93 -18.47
C GLY A 416 -3.34 20.77 -19.79
N ASP A 417 -2.02 20.65 -19.72
CA ASP A 417 -1.15 20.49 -20.90
C ASP A 417 -1.53 19.17 -21.57
N LEU A 418 -1.75 18.12 -20.76
CA LEU A 418 -2.08 16.78 -21.29
C LEU A 418 -3.43 16.84 -22.01
N LEU A 419 -4.43 17.53 -21.46
CA LEU A 419 -5.77 17.65 -22.12
C LEU A 419 -5.64 18.44 -23.44
N ARG A 420 -4.58 19.20 -23.62
CA ARG A 420 -4.37 20.03 -24.86
C ARG A 420 -3.57 19.32 -25.95
N THR A 421 -3.10 18.08 -25.73
CA THR A 421 -2.23 17.34 -26.67
C THR A 421 -3.05 16.86 -27.85
N LYS A 422 -2.40 16.64 -28.98
CA LYS A 422 -3.01 15.97 -30.15
C LYS A 422 -3.43 14.57 -29.72
N ALA A 423 -2.64 13.90 -28.88
CA ALA A 423 -2.94 12.53 -28.37
C ALA A 423 -4.36 12.43 -27.83
N LEU A 424 -4.85 13.44 -27.09
CA LEU A 424 -6.14 13.41 -26.35
C LEU A 424 -7.26 14.01 -27.20
N GLU A 425 -6.91 14.71 -28.28
CA GLU A 425 -7.90 15.46 -29.11
C GLU A 425 -9.06 14.55 -29.56
N PRO A 426 -8.82 13.31 -30.03
CA PRO A 426 -9.92 12.44 -30.48
C PRO A 426 -10.94 12.07 -29.40
N TYR A 427 -10.72 12.44 -28.12
CA TYR A 427 -11.57 12.01 -27.00
C TYR A 427 -12.45 13.16 -26.54
N LYS A 428 -12.34 14.28 -27.26
CA LYS A 428 -13.21 15.46 -27.08
C LYS A 428 -14.59 15.16 -27.68
N ALA A 429 -15.63 15.65 -27.02
CA ALA A 429 -17.04 15.61 -27.48
C ALA A 429 -17.28 16.69 -28.54
N ARG A 430 -16.59 17.85 -28.46
CA ARG A 430 -16.73 18.96 -29.45
C ARG A 430 -15.35 19.32 -30.01
N ASP A 431 -15.20 19.42 -31.33
CA ASP A 431 -13.91 19.77 -31.98
C ASP A 431 -13.67 21.28 -31.87
N VAL A 432 -13.67 21.82 -30.66
CA VAL A 432 -13.37 23.26 -30.42
C VAL A 432 -11.91 23.38 -30.01
N LEU A 433 -11.38 24.60 -29.96
CA LEU A 433 -9.94 24.81 -29.67
C LEU A 433 -9.63 24.44 -28.21
N GLY A 434 -10.54 24.70 -27.29
CA GLY A 434 -10.30 24.65 -25.84
C GLY A 434 -10.53 23.27 -25.23
N ILE A 435 -10.06 23.07 -24.00
CA ILE A 435 -10.29 21.79 -23.25
C ILE A 435 -11.75 21.73 -22.74
N ASP A 436 -12.55 22.79 -22.88
CA ASP A 436 -14.01 22.71 -22.63
C ASP A 436 -14.69 21.84 -23.70
N GLY A 437 -13.96 21.38 -24.72
CA GLY A 437 -14.44 20.43 -25.74
C GLY A 437 -14.61 19.00 -25.21
N PHE A 438 -13.97 18.69 -24.07
CA PHE A 438 -14.22 17.41 -23.35
C PHE A 438 -15.55 17.55 -22.60
N ASN A 439 -16.24 16.41 -22.49
CA ASN A 439 -17.29 16.20 -21.47
C ASN A 439 -16.63 15.63 -20.22
N TYR A 440 -16.92 16.23 -19.08
CA TYR A 440 -16.33 15.93 -17.76
C TYR A 440 -17.40 15.25 -16.90
N LEU A 441 -16.98 14.19 -16.21
CA LEU A 441 -17.67 13.70 -15.01
C LEU A 441 -17.06 14.44 -13.81
N GLY A 442 -17.89 15.16 -13.06
CA GLY A 442 -17.46 15.92 -11.88
C GLY A 442 -16.84 17.26 -12.26
N VAL A 443 -15.91 17.75 -11.47
CA VAL A 443 -15.39 19.13 -11.60
C VAL A 443 -14.26 19.10 -12.63
N PRO A 444 -14.33 19.97 -13.69
CA PRO A 444 -13.24 20.10 -14.65
C PRO A 444 -12.14 20.98 -14.08
N LEU A 445 -10.99 21.09 -14.78
CA LEU A 445 -9.89 21.99 -14.40
C LEU A 445 -10.45 23.38 -14.56
N PRO A 446 -10.08 24.36 -13.72
CA PRO A 446 -10.54 25.75 -13.85
C PRO A 446 -9.95 26.57 -15.02
N THR A 450 -6.48 30.85 -14.96
CA THR A 450 -5.22 30.04 -14.87
C THR A 450 -4.05 30.81 -14.20
N ASP A 451 -4.32 31.88 -13.43
CA ASP A 451 -3.55 32.27 -12.23
C ASP A 451 -3.93 31.31 -11.05
N ASP A 452 -3.21 31.37 -9.91
CA ASP A 452 -3.04 30.23 -8.97
C ASP A 452 -4.27 29.99 -8.06
N ALA A 453 -4.99 31.01 -7.62
CA ALA A 453 -6.09 30.90 -6.63
C ALA A 453 -7.12 29.83 -7.04
N SER A 454 -7.47 29.72 -8.32
CA SER A 454 -8.54 28.80 -8.79
C SER A 454 -8.01 27.35 -8.76
N PHE A 455 -6.73 27.15 -9.08
CA PHE A 455 -6.06 25.83 -9.01
C PHE A 455 -5.94 25.41 -7.54
N GLU A 456 -5.70 26.34 -6.63
CA GLU A 456 -5.57 26.03 -5.19
C GLU A 456 -6.91 25.52 -4.68
N THR A 457 -8.00 26.21 -5.03
CA THR A 457 -9.36 25.84 -4.59
C THR A 457 -9.68 24.45 -5.14
N PHE A 458 -9.34 24.20 -6.40
CA PHE A 458 -9.61 22.91 -7.09
C PHE A 458 -8.89 21.79 -6.32
N CYS A 459 -7.60 22.00 -6.05
CA CYS A 459 -6.74 21.04 -5.31
C CYS A 459 -7.38 20.69 -3.96
N LEU A 460 -7.72 21.73 -3.18
CA LEU A 460 -8.24 21.59 -1.81
C LEU A 460 -9.60 20.91 -1.83
N ASP A 461 -10.50 21.35 -2.72
CA ASP A 461 -11.92 20.90 -2.67
C ASP A 461 -12.09 19.53 -3.36
N ASN A 462 -11.17 19.06 -4.21
CA ASN A 462 -11.44 17.86 -5.03
C ASN A 462 -10.45 16.74 -4.72
N VAL A 463 -9.77 16.84 -3.59
CA VAL A 463 -8.72 15.85 -3.20
C VAL A 463 -9.37 14.49 -2.87
N ALA A 464 -8.67 13.42 -3.24
CA ALA A 464 -8.97 12.02 -2.88
C ALA A 464 -7.68 11.37 -2.36
N SER A 465 -7.80 10.19 -1.77
CA SER A 465 -6.64 9.40 -1.35
C SER A 465 -5.99 8.80 -2.59
N TYR A 466 -4.67 8.84 -2.68
CA TYR A 466 -3.94 8.01 -3.67
C TYR A 466 -3.88 6.56 -3.18
N TRP A 467 -4.24 6.30 -1.91
CA TRP A 467 -4.20 4.98 -1.24
C TRP A 467 -2.77 4.55 -0.86
N HIS A 468 -1.79 5.41 -1.08
CA HIS A 468 -0.37 5.09 -0.75
C HIS A 468 0.01 5.72 0.59
N TYR A 469 -0.86 5.65 1.58
CA TYR A 469 -0.55 6.18 2.92
C TYR A 469 0.57 5.37 3.56
N HIS A 470 1.30 6.04 4.43
CA HIS A 470 2.52 5.50 5.06
C HIS A 470 2.78 6.27 6.35
N GLY A 471 3.71 5.75 7.16
CA GLY A 471 4.11 6.40 8.42
C GLY A 471 3.42 5.82 9.64
N GLY A 472 3.72 6.41 10.79
CA GLY A 472 3.13 5.99 12.07
C GLY A 472 4.11 5.26 12.95
N SER A 473 5.16 4.68 12.37
CA SER A 473 6.19 3.97 13.16
C SER A 473 7.54 4.23 12.52
N LEU A 474 7.96 5.49 12.39
CA LEU A 474 9.06 5.87 11.45
C LEU A 474 10.40 5.35 11.95
N VAL A 475 11.22 4.87 11.02
CA VAL A 475 12.69 4.81 11.21
C VAL A 475 13.14 6.21 11.67
N GLY A 476 13.92 6.25 12.76
CA GLY A 476 14.48 7.50 13.31
C GLY A 476 13.56 8.13 14.36
N LYS A 477 12.36 7.61 14.57
CA LYS A 477 11.37 8.13 15.56
C LYS A 477 10.97 6.99 16.49
N VAL A 478 10.39 5.91 15.91
CA VAL A 478 10.06 4.66 16.67
C VAL A 478 11.13 3.59 16.48
N LEU A 479 11.72 3.46 15.30
CA LEU A 479 12.63 2.35 14.98
C LEU A 479 14.06 2.85 14.76
N ASP A 480 15.02 1.97 14.96
CA ASP A 480 16.43 2.18 14.53
C ASP A 480 16.55 1.78 13.07
N ASP A 481 17.77 1.85 12.54
CA ASP A 481 18.08 1.66 11.09
C ASP A 481 17.95 0.17 10.74
N SER A 482 17.83 -0.72 11.73
CA SER A 482 17.56 -2.17 11.56
C SER A 482 16.09 -2.53 11.81
N PHE A 483 15.22 -1.55 11.91
CA PHE A 483 13.74 -1.70 11.99
C PHE A 483 13.37 -2.21 13.38
N ARG A 484 14.25 -2.11 14.38
CA ARG A 484 13.93 -2.51 15.78
C ARG A 484 13.19 -1.38 16.48
N VAL A 485 12.17 -1.72 17.28
CA VAL A 485 11.49 -0.73 18.15
C VAL A 485 12.51 -0.34 19.23
N MET A 486 12.75 0.95 19.33
CA MET A 486 13.81 1.49 20.21
C MET A 486 13.37 1.24 21.64
N GLY A 487 14.28 0.68 22.44
CA GLY A 487 14.02 0.39 23.85
C GLY A 487 13.51 -1.02 24.08
N ILE A 488 13.19 -1.78 23.05
CA ILE A 488 12.57 -3.12 23.24
C ILE A 488 13.39 -4.13 22.46
N LYS A 489 13.82 -5.20 23.12
CA LYS A 489 14.46 -6.35 22.43
C LYS A 489 13.40 -7.22 21.78
N ALA A 490 13.80 -7.89 20.69
CA ALA A 490 13.02 -8.94 20.03
C ALA A 490 11.73 -8.36 19.42
N LEU A 491 11.71 -7.09 19.02
CA LEU A 491 10.53 -6.47 18.39
C LEU A 491 10.98 -5.58 17.24
N ARG A 492 10.42 -5.85 16.07
CA ARG A 492 10.67 -5.04 14.86
C ARG A 492 9.32 -4.66 14.22
N VAL A 493 9.40 -3.71 13.31
CA VAL A 493 8.26 -3.31 12.45
C VAL A 493 8.75 -3.28 11.02
N VAL A 494 8.05 -3.98 10.13
CA VAL A 494 8.39 -3.97 8.69
C VAL A 494 7.11 -3.92 7.87
N ASP A 495 6.85 -2.75 7.26
CA ASP A 495 5.66 -2.44 6.44
C ASP A 495 5.72 -0.94 6.08
N ALA A 496 4.65 -0.37 5.56
CA ALA A 496 4.64 1.05 5.09
C ALA A 496 4.55 2.03 6.24
N SER A 497 4.44 1.58 7.50
CA SER A 497 4.47 2.49 8.68
C SER A 497 5.86 3.11 8.88
N THR A 498 6.87 2.64 8.13
CA THR A 498 8.30 2.83 8.52
C THR A 498 8.92 4.10 7.90
N PHE A 499 8.35 4.66 6.83
CA PHE A 499 9.02 5.76 6.07
C PHE A 499 8.09 6.94 5.93
N PRO A 500 8.61 8.18 6.08
CA PRO A 500 7.79 9.38 5.98
C PRO A 500 7.53 9.91 4.57
N TYR A 501 8.30 9.49 3.58
CA TYR A 501 8.14 9.93 2.17
C TYR A 501 8.04 8.67 1.29
N GLU A 502 7.30 8.76 0.21
CA GLU A 502 7.15 7.63 -0.72
C GLU A 502 8.53 7.24 -1.25
N PRO A 503 8.78 5.94 -1.53
CA PRO A 503 10.01 5.58 -2.22
C PRO A 503 9.93 5.86 -3.73
N ASN A 504 8.72 6.14 -4.22
CA ASN A 504 8.40 6.24 -5.67
C ASN A 504 6.90 6.55 -5.81
N SER A 505 6.37 6.50 -7.02
CA SER A 505 4.92 6.77 -7.30
C SER A 505 4.05 5.63 -6.78
N HIS A 506 4.59 4.41 -6.74
CA HIS A 506 3.81 3.15 -6.58
C HIS A 506 4.64 2.24 -5.68
N PRO A 507 4.39 2.26 -4.35
CA PRO A 507 5.34 1.71 -3.38
C PRO A 507 5.25 0.20 -3.10
N GLN A 508 4.34 -0.54 -3.71
CA GLN A 508 4.21 -1.99 -3.34
C GLN A 508 5.53 -2.69 -3.65
N GLY A 509 6.19 -2.31 -4.74
CA GLY A 509 7.46 -2.94 -5.10
C GLY A 509 8.47 -2.79 -3.98
N PHE A 510 8.60 -1.60 -3.42
CA PHE A 510 9.58 -1.32 -2.36
C PHE A 510 9.23 -2.15 -1.12
N TYR A 511 7.94 -2.20 -0.74
CA TYR A 511 7.54 -2.89 0.53
C TYR A 511 7.61 -4.41 0.37
N LEU A 512 7.36 -4.96 -0.83
CA LEU A 512 7.58 -6.40 -1.11
C LEU A 512 9.07 -6.70 -0.90
N MET A 513 9.92 -5.91 -1.52
CA MET A 513 11.39 -6.04 -1.39
C MET A 513 11.78 -5.93 0.09
N LEU A 514 11.22 -4.96 0.80
CA LEU A 514 11.65 -4.66 2.19
C LEU A 514 11.38 -5.88 3.09
N GLY A 515 10.27 -6.59 2.87
CA GLY A 515 9.93 -7.73 3.73
C GLY A 515 11.05 -8.75 3.67
N ARG A 516 11.48 -9.10 2.47
CA ARG A 516 12.52 -10.14 2.33
C ARG A 516 13.86 -9.57 2.83
N TYR A 517 14.17 -8.34 2.43
CA TYR A 517 15.45 -7.67 2.78
C TYR A 517 15.67 -7.69 4.28
N VAL A 518 14.68 -7.26 5.04
CA VAL A 518 14.84 -7.19 6.52
C VAL A 518 14.90 -8.62 7.06
N GLY A 519 14.13 -9.56 6.50
CA GLY A 519 14.29 -10.99 6.77
C GLY A 519 15.73 -11.46 6.62
N LEU A 520 16.38 -11.10 5.51
CA LEU A 520 17.80 -11.45 5.25
C LEU A 520 18.71 -10.74 6.27
N GLN A 521 18.39 -9.51 6.69
CA GLN A 521 19.20 -8.78 7.70
C GLN A 521 19.11 -9.51 9.04
N ILE A 522 17.91 -9.92 9.45
CA ILE A 522 17.69 -10.70 10.71
C ILE A 522 18.48 -12.01 10.62
N LEU A 523 18.39 -12.77 9.53
CA LEU A 523 19.12 -14.04 9.42
C LEU A 523 20.65 -13.78 9.46
N GLN A 524 21.16 -12.74 8.79
CA GLN A 524 22.61 -12.39 8.82
C GLN A 524 23.02 -12.01 10.26
N GLU A 525 22.22 -11.17 10.94
CA GLU A 525 22.58 -10.73 12.31
C GLU A 525 22.72 -11.98 13.17
N ARG A 526 21.83 -12.94 12.98
CA ARG A 526 21.80 -14.12 13.87
C ARG A 526 22.87 -15.15 13.49
N SER A 527 23.35 -15.16 12.25
CA SER A 527 24.36 -16.11 11.72
C SER A 527 25.70 -15.88 12.47
N ILE A 528 26.55 -16.90 12.41
CA ILE A 528 27.82 -17.02 13.21
C ILE A 528 28.99 -16.46 12.40
#